data_4B5S
#
_entry.id   4B5S
#
_cell.length_a   151.740
_cell.length_b   151.740
_cell.length_c   151.740
_cell.angle_alpha   90.00
_cell.angle_beta   90.00
_cell.angle_gamma   90.00
#
_symmetry.space_group_name_H-M   'P 21 3'
#
loop_
_entity.id
_entity.type
_entity.pdbx_description
1 polymer '4-HYDROXY-2-OXO-HEPTANE-1,7-DIOATE ALDOLASE'
2 non-polymer D-Glyceraldehyde
3 non-polymer 'COBALT (II) ION'
4 non-polymer 'PHOSPHATE ION'
5 non-polymer 'PYRUVIC ACID'
6 non-polymer 'MAGNESIUM ION'
7 non-polymer GLYCEROL
8 water water
#
_entity_poly.entity_id   1
_entity_poly.type   'polypeptide(L)'
_entity_poly.pdbx_seq_one_letter_code
;MENSFKAALKAGRPQIGLWLGLSSSYSAELLAGAGFDWLLIDGEHAPNNVQTVLTQLQAIAPYPSQPVVRPSWNDPVQIK
QLLDVGTQTLLVPMVQNADEAREAVRATRYPPAGIRGVGSALARASRWNRIPDYLQKANDQMCVLVQIETREAMKNLPQI
LDVEGVDGVFIGPADLSADMGYAGNPQHPEVQAAIEQAIVQIRESGKAPGILIANEQLAKRYLELGALFVAVGVDTTLLA
RAAEALAARFG
;
_entity_poly.pdbx_strand_id   A,B
#
loop_
_chem_comp.id
_chem_comp.type
_chem_comp.name
_chem_comp.formula
3GR D-saccharide D-Glyceraldehyde 'C3 H6 O3'
CO non-polymer 'COBALT (II) ION' 'Co 2'
GOL non-polymer GLYCEROL 'C3 H8 O3'
MG non-polymer 'MAGNESIUM ION' 'Mg 2'
PO4 non-polymer 'PHOSPHATE ION' 'O4 P -3'
PYR non-polymer 'PYRUVIC ACID' 'C3 H4 O3'
#
# COMPACT_ATOMS: atom_id res chain seq x y z
N MET A 1 -26.16 8.13 -11.54
CA MET A 1 -24.92 8.71 -11.93
C MET A 1 -24.76 10.09 -11.34
N GLU A 2 -25.49 10.35 -10.29
CA GLU A 2 -25.42 11.64 -9.65
C GLU A 2 -24.05 11.79 -9.04
N ASN A 3 -23.45 12.96 -9.24
CA ASN A 3 -22.14 13.27 -8.67
C ASN A 3 -22.31 13.89 -7.29
N SER A 4 -22.17 13.07 -6.27
CA SER A 4 -22.35 13.49 -4.93
C SER A 4 -21.28 14.40 -4.38
N PHE A 5 -20.05 14.19 -4.81
CA PHE A 5 -19.00 15.14 -4.47
C PHE A 5 -19.33 16.54 -5.02
N LYS A 6 -19.73 16.63 -6.27
CA LYS A 6 -20.04 17.91 -6.94
C LYS A 6 -21.17 18.61 -6.13
N ALA A 7 -22.17 17.85 -5.76
CA ALA A 7 -23.32 18.38 -5.01
C ALA A 7 -22.91 18.87 -3.63
N ALA A 8 -22.02 18.15 -2.95
CA ALA A 8 -21.51 18.58 -1.66
C ALA A 8 -20.73 19.89 -1.75
N LEU A 9 -19.86 20.05 -2.76
CA LEU A 9 -19.13 21.30 -2.90
C LEU A 9 -20.11 22.44 -3.11
N LYS A 10 -21.10 22.23 -3.96
CA LYS A 10 -22.04 23.28 -4.34
C LYS A 10 -22.86 23.72 -3.10
N ALA A 11 -23.08 22.79 -2.17
CA ALA A 11 -23.83 23.05 -0.94
C ALA A 11 -22.93 23.57 0.19
N GLY A 12 -21.64 23.64 -0.06
CA GLY A 12 -20.72 24.19 0.89
C GLY A 12 -20.38 23.24 2.01
N ARG A 13 -20.48 21.93 1.77
CA ARG A 13 -20.12 20.96 2.78
C ARG A 13 -18.65 20.57 2.59
N PRO A 14 -17.78 20.83 3.56
CA PRO A 14 -16.35 20.52 3.37
C PRO A 14 -16.12 19.01 3.22
N GLN A 15 -15.27 18.65 2.26
CA GLN A 15 -14.98 17.25 1.93
C GLN A 15 -13.53 16.96 2.24
N ILE A 16 -13.28 15.97 3.08
CA ILE A 16 -11.97 15.64 3.57
C ILE A 16 -11.44 14.47 2.68
N GLY A 17 -10.25 14.64 2.12
CA GLY A 17 -9.69 13.68 1.13
C GLY A 17 -8.40 13.02 1.50
N LEU A 18 -8.11 11.90 0.82
CA LEU A 18 -6.85 11.24 0.92
C LEU A 18 -6.28 11.04 -0.51
N TRP A 19 -5.00 11.32 -0.69
CA TRP A 19 -4.34 11.19 -2.01
C TRP A 19 -3.89 9.75 -2.18
N LEU A 20 -4.18 9.18 -3.36
CA LEU A 20 -3.77 7.80 -3.65
C LEU A 20 -2.70 7.77 -4.77
N GLY A 21 -1.51 7.45 -4.34
CA GLY A 21 -0.38 7.21 -5.23
C GLY A 21 0.14 5.80 -5.26
N LEU A 22 -0.46 4.88 -4.49
CA LEU A 22 0.04 3.50 -4.50
C LEU A 22 -0.31 2.75 -5.80
N SER A 23 -1.21 3.29 -6.59
CA SER A 23 -1.47 2.78 -7.95
C SER A 23 -1.93 1.33 -7.95
N SER A 24 -2.71 0.96 -6.94
CA SER A 24 -3.12 -0.40 -6.73
C SER A 24 -4.63 -0.44 -6.47
N SER A 25 -5.34 -1.31 -7.16
CA SER A 25 -6.76 -1.47 -6.84
C SER A 25 -6.99 -2.10 -5.49
N TYR A 26 -6.00 -2.78 -4.97
CA TYR A 26 -6.14 -3.50 -3.72
C TYR A 26 -6.04 -2.50 -2.55
N SER A 27 -4.95 -1.74 -2.49
CA SER A 27 -4.88 -0.70 -1.46
C SER A 27 -5.95 0.35 -1.64
N ALA A 28 -6.42 0.64 -2.87
CA ALA A 28 -7.51 1.60 -3.07
C ALA A 28 -8.76 1.11 -2.31
N GLU A 29 -9.07 -0.19 -2.40
CA GLU A 29 -10.24 -0.68 -1.66
C GLU A 29 -10.06 -0.54 -0.15
N LEU A 30 -8.89 -0.92 0.36
CA LEU A 30 -8.57 -0.85 1.77
C LEU A 30 -8.79 0.58 2.24
N LEU A 31 -8.31 1.53 1.45
CA LEU A 31 -8.43 2.96 1.84
C LEU A 31 -9.85 3.52 1.66
N ALA A 32 -10.63 2.98 0.72
CA ALA A 32 -11.98 3.41 0.46
C ALA A 32 -12.87 3.18 1.69
N GLY A 33 -12.45 2.31 2.58
CA GLY A 33 -13.22 1.96 3.77
C GLY A 33 -12.79 2.77 4.98
N ALA A 34 -11.84 3.69 4.79
CA ALA A 34 -11.23 4.41 5.94
C ALA A 34 -12.03 5.66 6.40
N GLY A 35 -13.05 6.07 5.68
CA GLY A 35 -13.90 7.17 6.15
C GLY A 35 -13.70 8.52 5.50
N PHE A 36 -12.87 8.59 4.46
CA PHE A 36 -12.75 9.82 3.72
C PHE A 36 -13.92 10.19 2.85
N ASP A 37 -14.11 11.48 2.62
CA ASP A 37 -15.17 11.89 1.73
C ASP A 37 -14.80 11.71 0.24
N TRP A 38 -13.51 11.89 -0.04
CA TRP A 38 -12.99 11.75 -1.41
C TRP A 38 -11.59 11.17 -1.42
N LEU A 39 -11.23 10.55 -2.57
CA LEU A 39 -9.96 9.93 -2.76
C LEU A 39 -9.47 10.39 -4.12
N LEU A 40 -8.21 10.83 -4.17
CA LEU A 40 -7.62 11.36 -5.40
C LEU A 40 -6.72 10.28 -6.04
N ILE A 41 -7.14 9.78 -7.22
CA ILE A 41 -6.34 8.81 -7.97
C ILE A 41 -5.40 9.62 -8.88
N ASP A 42 -4.11 9.60 -8.56
CA ASP A 42 -3.17 10.52 -9.17
C ASP A 42 -2.53 9.94 -10.46
N GLY A 43 -2.96 10.44 -11.58
CA GLY A 43 -2.37 10.03 -12.85
C GLY A 43 -1.25 10.95 -13.30
N GLU A 44 -0.90 11.97 -12.51
CA GLU A 44 0.18 12.87 -12.89
C GLU A 44 1.52 12.49 -12.22
N HIS A 45 1.52 12.22 -10.92
CA HIS A 45 2.77 11.95 -10.18
C HIS A 45 2.90 10.54 -9.62
N ALA A 46 1.94 9.67 -9.95
CA ALA A 46 2.03 8.26 -9.61
C ALA A 46 1.91 7.45 -10.89
N PRO A 47 2.41 6.22 -10.86
CA PRO A 47 2.45 5.37 -12.07
C PRO A 47 1.07 4.75 -12.43
N ASN A 48 0.10 5.61 -12.64
CA ASN A 48 -1.23 5.22 -13.12
C ASN A 48 -1.41 5.49 -14.58
N ASN A 49 -2.37 4.79 -15.18
CA ASN A 49 -2.87 5.09 -16.49
C ASN A 49 -4.37 4.83 -16.55
N VAL A 50 -4.96 4.94 -17.74
CA VAL A 50 -6.43 4.80 -17.82
C VAL A 50 -6.85 3.43 -17.29
N GLN A 51 -6.08 2.39 -17.58
CA GLN A 51 -6.41 1.05 -17.12
C GLN A 51 -6.35 0.88 -15.60
N THR A 52 -5.34 1.48 -14.95
CA THR A 52 -5.28 1.34 -13.51
C THR A 52 -6.30 2.28 -12.84
N VAL A 53 -6.63 3.39 -13.49
CA VAL A 53 -7.72 4.25 -12.95
C VAL A 53 -9.00 3.45 -12.96
N LEU A 54 -9.28 2.78 -14.07
CA LEU A 54 -10.49 1.93 -14.12
C LEU A 54 -10.59 0.94 -12.98
N THR A 55 -9.53 0.18 -12.68
CA THR A 55 -9.62 -0.81 -11.64
C THR A 55 -9.77 -0.21 -10.25
N GLN A 56 -9.13 0.95 -10.06
CA GLN A 56 -9.33 1.64 -8.78
C GLN A 56 -10.77 2.17 -8.63
N LEU A 57 -11.34 2.68 -9.67
CA LEU A 57 -12.77 3.09 -9.69
C LEU A 57 -13.64 1.91 -9.32
N GLN A 58 -13.35 0.74 -9.90
CA GLN A 58 -14.16 -0.43 -9.57
C GLN A 58 -14.03 -0.83 -8.11
N ALA A 59 -12.83 -0.72 -7.55
CA ALA A 59 -12.57 -1.09 -6.19
C ALA A 59 -13.31 -0.15 -5.25
N ILE A 60 -13.24 1.14 -5.55
CA ILE A 60 -13.84 2.18 -4.69
C ILE A 60 -15.37 2.19 -4.75
N ALA A 61 -15.96 1.72 -5.85
CA ALA A 61 -17.39 1.94 -6.17
C ALA A 61 -18.38 1.63 -5.05
N PRO A 62 -18.22 0.54 -4.29
CA PRO A 62 -19.31 0.23 -3.32
C PRO A 62 -19.20 1.01 -2.02
N TYR A 63 -18.16 1.82 -1.90
CA TYR A 63 -17.89 2.57 -0.66
C TYR A 63 -18.43 3.99 -0.79
N PRO A 64 -18.57 4.67 0.35
CA PRO A 64 -19.07 6.03 0.31
C PRO A 64 -18.10 7.08 -0.19
N SER A 65 -16.81 6.82 -0.09
CA SER A 65 -15.79 7.77 -0.52
C SER A 65 -15.85 7.99 -2.04
N GLN A 66 -15.77 9.24 -2.50
CA GLN A 66 -15.99 9.55 -3.89
C GLN A 66 -14.65 9.71 -4.59
N PRO A 67 -14.51 9.09 -5.77
CA PRO A 67 -13.24 9.25 -6.52
C PRO A 67 -13.13 10.54 -7.32
N VAL A 68 -11.90 11.09 -7.32
CA VAL A 68 -11.52 12.19 -8.13
C VAL A 68 -10.22 11.73 -8.82
N VAL A 69 -10.10 12.07 -10.09
CA VAL A 69 -8.94 11.63 -10.88
C VAL A 69 -8.17 12.85 -11.38
N ARG A 70 -6.87 12.79 -11.22
CA ARG A 70 -5.96 13.78 -11.79
C ARG A 70 -5.29 13.21 -13.06
N PRO A 71 -5.64 13.75 -14.23
CA PRO A 71 -4.89 13.38 -15.44
C PRO A 71 -3.49 13.93 -15.42
N SER A 72 -2.62 13.42 -16.31
CA SER A 72 -1.25 13.91 -16.28
C SER A 72 -1.06 15.32 -16.78
N TRP A 73 -2.03 15.79 -17.55
CA TRP A 73 -2.01 17.09 -18.19
CA TRP A 73 -2.08 17.17 -18.00
C TRP A 73 -3.44 17.47 -18.55
N ASN A 74 -3.67 18.73 -18.88
CA ASN A 74 -4.96 19.17 -19.44
C ASN A 74 -5.05 18.78 -20.92
N ASP A 75 -5.28 17.49 -21.18
CA ASP A 75 -5.22 16.89 -22.50
C ASP A 75 -6.59 16.34 -22.82
N PRO A 76 -7.22 16.86 -23.85
CA PRO A 76 -8.60 16.45 -24.07
C PRO A 76 -8.74 14.96 -24.40
N VAL A 77 -7.72 14.39 -25.01
CA VAL A 77 -7.79 12.96 -25.39
C VAL A 77 -7.75 12.10 -24.16
N GLN A 78 -6.79 12.38 -23.28
CA GLN A 78 -6.70 11.68 -22.01
C GLN A 78 -7.96 11.91 -21.16
N ILE A 79 -8.48 13.14 -21.15
CA ILE A 79 -9.73 13.38 -20.42
C ILE A 79 -10.88 12.54 -20.98
N LYS A 80 -11.03 12.52 -22.30
CA LYS A 80 -12.07 11.67 -22.96
C LYS A 80 -11.96 10.23 -22.43
N GLN A 81 -10.75 9.71 -22.43
CA GLN A 81 -10.60 8.29 -22.03
C GLN A 81 -10.94 8.06 -20.57
N LEU A 82 -10.52 8.99 -19.68
CA LEU A 82 -10.84 8.86 -18.29
C LEU A 82 -12.35 8.96 -18.05
N LEU A 83 -13.02 9.82 -18.81
CA LEU A 83 -14.45 9.96 -18.60
C LEU A 83 -15.16 8.67 -19.06
N ASP A 84 -14.67 8.09 -20.14
CA ASP A 84 -15.36 6.87 -20.64
C ASP A 84 -15.25 5.69 -19.69
N VAL A 85 -14.16 5.56 -18.91
CA VAL A 85 -14.10 4.50 -17.91
C VAL A 85 -14.88 4.85 -16.63
N GLY A 86 -15.48 6.04 -16.59
CA GLY A 86 -16.42 6.37 -15.52
C GLY A 86 -16.06 7.57 -14.64
N THR A 87 -14.96 8.23 -14.91
CA THR A 87 -14.52 9.38 -14.10
C THR A 87 -15.56 10.51 -14.27
N GLN A 88 -16.00 11.08 -13.13
CA GLN A 88 -16.91 12.23 -13.18
C GLN A 88 -16.36 13.49 -12.53
N THR A 89 -15.29 13.34 -11.75
CA THR A 89 -14.65 14.50 -11.08
C THR A 89 -13.17 14.48 -11.44
N LEU A 90 -12.70 15.56 -12.05
CA LEU A 90 -11.33 15.67 -12.54
C LEU A 90 -10.58 16.82 -11.85
N LEU A 91 -9.35 16.56 -11.43
CA LEU A 91 -8.46 17.60 -10.90
C LEU A 91 -7.37 17.83 -11.98
N VAL A 92 -7.47 18.95 -12.68
CA VAL A 92 -6.63 19.16 -13.85
C VAL A 92 -5.39 20.01 -13.50
N PRO A 93 -4.19 19.47 -13.70
CA PRO A 93 -2.99 20.21 -13.30
C PRO A 93 -2.61 21.34 -14.24
N MET A 94 -1.90 22.30 -13.66
CA MET A 94 -1.24 23.37 -14.44
C MET A 94 -2.15 24.16 -15.34
N VAL A 95 -3.27 24.60 -14.79
CA VAL A 95 -4.17 25.46 -15.50
C VAL A 95 -3.71 26.90 -15.24
N GLN A 96 -3.27 27.57 -16.29
CA GLN A 96 -2.51 28.82 -16.16
C GLN A 96 -3.36 30.06 -16.42
N ASN A 97 -4.48 29.86 -17.08
CA ASN A 97 -5.33 30.96 -17.50
C ASN A 97 -6.72 30.52 -17.83
N ALA A 98 -7.58 31.47 -18.17
CA ALA A 98 -8.98 31.19 -18.39
C ALA A 98 -9.23 30.34 -19.63
N ASP A 99 -8.46 30.57 -20.67
CA ASP A 99 -8.59 29.78 -21.90
C ASP A 99 -8.36 28.29 -21.59
N GLU A 100 -7.33 28.01 -20.81
CA GLU A 100 -7.02 26.62 -20.45
C GLU A 100 -8.09 26.02 -19.54
N ALA A 101 -8.63 26.82 -18.61
CA ALA A 101 -9.74 26.35 -17.79
C ALA A 101 -10.95 26.02 -18.66
N ARG A 102 -11.25 26.87 -19.64
CA ARG A 102 -12.40 26.62 -20.49
C ARG A 102 -12.18 25.34 -21.35
N GLU A 103 -10.94 25.12 -21.78
CA GLU A 103 -10.58 23.91 -22.53
C GLU A 103 -10.80 22.67 -21.68
N ALA A 104 -10.47 22.73 -20.40
CA ALA A 104 -10.67 21.58 -19.51
C ALA A 104 -12.16 21.32 -19.37
N VAL A 105 -12.94 22.37 -19.17
CA VAL A 105 -14.37 22.19 -19.06
C VAL A 105 -14.98 21.59 -20.34
N ARG A 106 -14.62 22.15 -21.48
CA ARG A 106 -15.20 21.70 -22.74
C ARG A 106 -14.82 20.25 -23.06
N ALA A 107 -13.66 19.82 -22.60
CA ALA A 107 -13.24 18.43 -22.83
C ALA A 107 -14.21 17.46 -22.14
N THR A 108 -14.97 17.92 -21.16
CA THR A 108 -15.80 17.04 -20.35
C THR A 108 -17.27 17.01 -20.79
N ARG A 109 -17.59 17.82 -21.79
CA ARG A 109 -18.98 18.04 -22.15
C ARG A 109 -19.25 17.68 -23.60
N TYR A 110 -20.36 16.98 -23.80
CA TYR A 110 -20.76 16.62 -25.17
C TYR A 110 -21.22 17.85 -25.97
N PRO A 111 -21.10 17.80 -27.31
CA PRO A 111 -21.58 18.94 -28.10
C PRO A 111 -23.05 19.20 -27.81
N PRO A 112 -23.50 20.46 -27.86
CA PRO A 112 -22.75 21.64 -28.28
C PRO A 112 -21.93 22.31 -27.16
N ALA A 113 -22.11 21.89 -25.91
CA ALA A 113 -21.40 22.49 -24.76
C ALA A 113 -19.90 22.15 -24.70
N GLY A 114 -19.46 21.13 -25.44
CA GLY A 114 -18.05 20.75 -25.41
C GLY A 114 -17.65 19.88 -26.59
N ILE A 115 -16.48 19.28 -26.51
CA ILE A 115 -15.97 18.47 -27.59
C ILE A 115 -15.79 17.03 -27.18
N ARG A 116 -16.49 16.59 -26.13
CA ARG A 116 -16.31 15.24 -25.66
C ARG A 116 -16.77 14.27 -26.78
N GLY A 117 -15.92 13.31 -27.16
CA GLY A 117 -16.27 12.32 -28.19
C GLY A 117 -17.32 11.33 -27.71
N VAL A 118 -18.23 10.92 -28.60
CA VAL A 118 -19.28 10.01 -28.21
C VAL A 118 -18.93 8.57 -28.49
N GLY A 119 -19.00 7.75 -27.46
CA GLY A 119 -18.72 6.36 -27.56
C GLY A 119 -19.35 5.62 -26.41
N SER A 120 -20.62 5.90 -26.10
CA SER A 120 -21.27 5.33 -24.90
C SER A 120 -21.60 3.83 -24.94
N ALA A 121 -21.77 3.23 -26.11
CA ALA A 121 -22.04 1.79 -26.10
C ALA A 121 -20.90 1.07 -25.39
N LEU A 122 -19.70 1.63 -25.57
CA LEU A 122 -18.47 0.94 -25.17
C LEU A 122 -18.05 1.22 -23.76
N ALA A 123 -18.70 2.17 -23.11
CA ALA A 123 -18.06 2.73 -21.94
C ALA A 123 -18.71 2.33 -20.63
N ARG A 124 -17.86 2.13 -19.64
CA ARG A 124 -18.34 1.97 -18.29
C ARG A 124 -19.17 3.21 -17.85
N ALA A 125 -18.81 4.37 -18.37
CA ALA A 125 -19.49 5.64 -17.94
C ALA A 125 -21.02 5.54 -18.07
N SER A 126 -21.50 4.91 -19.14
CA SER A 126 -22.96 4.75 -19.37
C SER A 126 -23.43 3.40 -18.88
N ARG A 127 -22.56 2.66 -18.18
CA ARG A 127 -22.77 1.23 -17.91
C ARG A 127 -23.21 0.52 -19.21
N TRP A 128 -22.43 0.75 -20.24
CA TRP A 128 -22.57 0.07 -21.56
C TRP A 128 -24.02 0.25 -22.08
N ASN A 129 -24.43 1.52 -22.05
CA ASN A 129 -25.76 1.98 -22.52
C ASN A 129 -26.95 1.60 -21.66
N ARG A 130 -26.68 1.12 -20.48
CA ARG A 130 -27.71 0.77 -19.55
C ARG A 130 -28.31 1.96 -18.79
N ILE A 131 -27.54 3.06 -18.68
CA ILE A 131 -28.07 4.27 -18.05
C ILE A 131 -28.93 4.99 -19.09
N PRO A 132 -30.22 5.17 -18.78
CA PRO A 132 -31.14 5.76 -19.75
C PRO A 132 -30.82 7.25 -19.95
N ASP A 133 -30.81 7.70 -21.21
CA ASP A 133 -30.58 9.09 -21.53
C ASP A 133 -29.24 9.56 -21.03
N TYR A 134 -28.28 8.65 -20.98
CA TYR A 134 -26.93 9.03 -20.56
C TYR A 134 -26.43 10.28 -21.29
N LEU A 135 -26.57 10.32 -22.61
CA LEU A 135 -26.00 11.40 -23.40
C LEU A 135 -26.60 12.74 -22.92
N GLN A 136 -27.84 12.72 -22.45
CA GLN A 136 -28.50 13.96 -22.03
C GLN A 136 -28.16 14.36 -20.61
N LYS A 137 -27.86 13.37 -19.76
CA LYS A 137 -27.68 13.59 -18.33
C LYS A 137 -26.19 13.82 -17.94
N ALA A 138 -25.27 13.42 -18.82
CA ALA A 138 -23.85 13.29 -18.41
C ALA A 138 -23.23 14.65 -18.08
N ASN A 139 -23.46 15.63 -18.95
CA ASN A 139 -22.76 16.92 -18.80
C ASN A 139 -22.95 17.48 -17.41
N ASP A 140 -24.16 17.38 -16.86
CA ASP A 140 -24.47 18.03 -15.60
C ASP A 140 -23.84 17.38 -14.42
N GLN A 141 -23.34 16.15 -14.57
CA GLN A 141 -22.75 15.50 -13.43
C GLN A 141 -21.20 15.50 -13.51
N MET A 142 -20.64 16.22 -14.47
CA MET A 142 -19.17 16.36 -14.55
C MET A 142 -18.76 17.50 -13.60
N CYS A 143 -17.70 17.28 -12.86
CA CYS A 143 -17.18 18.26 -11.93
C CYS A 143 -15.71 18.53 -12.26
N VAL A 144 -15.41 19.76 -12.66
CA VAL A 144 -14.07 20.11 -13.11
C VAL A 144 -13.41 20.99 -12.06
N LEU A 145 -12.26 20.54 -11.57
CA LEU A 145 -11.46 21.22 -10.55
C LEU A 145 -10.16 21.58 -11.25
N VAL A 146 -9.75 22.85 -11.23
CA VAL A 146 -8.51 23.23 -11.92
C VAL A 146 -7.41 23.61 -10.93
N GLN A 147 -6.17 23.21 -11.20
CA GLN A 147 -5.03 23.52 -10.30
C GLN A 147 -4.31 24.80 -10.70
N ILE A 148 -4.14 25.70 -9.73
CA ILE A 148 -3.31 26.90 -9.92
C ILE A 148 -2.02 26.68 -9.16
N GLU A 149 -0.91 26.74 -9.91
CA GLU A 149 0.36 26.23 -9.42
C GLU A 149 1.51 27.16 -9.68
N THR A 150 1.21 28.35 -10.19
CA THR A 150 2.25 29.32 -10.52
C THR A 150 1.80 30.74 -10.23
N ARG A 151 2.77 31.67 -10.21
CA ARG A 151 2.40 33.07 -10.04
C ARG A 151 1.53 33.56 -11.19
N GLU A 152 1.81 33.09 -12.39
CA GLU A 152 0.99 33.46 -13.54
C GLU A 152 -0.46 33.02 -13.32
N ALA A 153 -0.65 31.78 -12.88
CA ALA A 153 -2.01 31.32 -12.61
C ALA A 153 -2.71 32.12 -11.50
N MET A 154 -1.95 32.47 -10.47
CA MET A 154 -2.52 33.28 -9.38
C MET A 154 -2.98 34.63 -9.92
N LYS A 155 -2.18 35.24 -10.78
CA LYS A 155 -2.55 36.50 -11.39
C LYS A 155 -3.85 36.38 -12.18
N ASN A 156 -4.04 35.23 -12.82
CA ASN A 156 -5.20 35.01 -13.67
C ASN A 156 -6.42 34.45 -12.95
N LEU A 157 -6.29 34.28 -11.65
CA LEU A 157 -7.35 33.66 -10.88
C LEU A 157 -8.70 34.33 -11.07
N PRO A 158 -8.79 35.63 -11.10
CA PRO A 158 -10.10 36.20 -11.25
C PRO A 158 -10.77 35.78 -12.53
N GLN A 159 -10.05 35.71 -13.61
CA GLN A 159 -10.60 35.31 -14.87
C GLN A 159 -10.95 33.80 -14.88
N ILE A 160 -10.12 33.01 -14.26
CA ILE A 160 -10.36 31.59 -14.15
C ILE A 160 -11.64 31.35 -13.38
N LEU A 161 -11.84 32.10 -12.32
CA LEU A 161 -13.04 31.92 -11.51
C LEU A 161 -14.31 32.28 -12.26
N ASP A 162 -14.18 33.07 -13.31
CA ASP A 162 -15.33 33.47 -14.12
C ASP A 162 -15.69 32.45 -15.19
N VAL A 163 -14.93 31.37 -15.30
CA VAL A 163 -15.26 30.36 -16.34
C VAL A 163 -16.39 29.45 -15.90
N GLU A 164 -17.48 29.42 -16.67
CA GLU A 164 -18.62 28.55 -16.33
C GLU A 164 -18.15 27.09 -16.44
N GLY A 165 -18.48 26.29 -15.45
CA GLY A 165 -18.07 24.88 -15.44
C GLY A 165 -16.85 24.62 -14.59
N VAL A 166 -16.10 25.65 -14.23
CA VAL A 166 -15.07 25.48 -13.24
C VAL A 166 -15.75 25.42 -11.89
N ASP A 167 -15.78 24.25 -11.24
CA ASP A 167 -16.51 24.10 -10.01
C ASP A 167 -15.64 24.37 -8.80
N GLY A 168 -14.34 24.23 -8.97
CA GLY A 168 -13.42 24.35 -7.87
C GLY A 168 -12.04 24.69 -8.40
N VAL A 169 -11.25 25.33 -7.54
CA VAL A 169 -9.87 25.71 -7.83
C VAL A 169 -9.00 25.22 -6.72
N PHE A 170 -7.99 24.42 -7.09
CA PHE A 170 -7.15 23.74 -6.15
C PHE A 170 -5.78 24.40 -6.20
N ILE A 171 -5.22 24.66 -5.03
CA ILE A 171 -3.89 25.23 -4.94
C ILE A 171 -2.90 24.14 -4.60
N GLY A 172 -1.86 24.03 -5.44
CA GLY A 172 -0.79 23.09 -5.21
C GLY A 172 0.39 23.80 -4.57
N PRO A 173 0.57 23.65 -3.25
CA PRO A 173 1.57 24.41 -2.52
C PRO A 173 3.00 24.05 -2.90
N ALA A 174 3.24 22.79 -3.25
CA ALA A 174 4.57 22.32 -3.67
C ALA A 174 5.00 23.03 -4.96
N ASP A 175 4.19 22.91 -6.02
CA ASP A 175 4.48 23.57 -7.29
C ASP A 175 4.50 25.11 -7.13
N LEU A 176 3.57 25.64 -6.36
CA LEU A 176 3.50 27.09 -6.25
C LEU A 176 4.75 27.64 -5.53
N SER A 177 5.13 27.01 -4.42
CA SER A 177 6.29 27.49 -3.69
C SER A 177 7.52 27.39 -4.58
N ALA A 178 7.64 26.29 -5.34
CA ALA A 178 8.74 26.17 -6.30
C ALA A 178 8.70 27.32 -7.29
N ASP A 179 7.54 27.64 -7.86
CA ASP A 179 7.47 28.75 -8.82
C ASP A 179 7.84 30.08 -8.21
N MET A 180 7.56 30.26 -6.93
CA MET A 180 7.81 31.53 -6.23
C MET A 180 9.23 31.63 -5.71
N GLY A 181 10.00 30.55 -5.82
CA GLY A 181 11.40 30.61 -5.46
C GLY A 181 11.74 29.98 -4.13
N TYR A 182 10.85 29.11 -3.62
CA TYR A 182 11.08 28.45 -2.36
C TYR A 182 11.17 26.93 -2.47
N ALA A 183 11.53 26.44 -3.66
CA ALA A 183 11.85 25.03 -3.86
C ALA A 183 10.90 24.07 -3.15
N GLY A 184 9.62 24.12 -3.52
CA GLY A 184 8.64 23.13 -3.08
C GLY A 184 8.40 23.13 -1.59
N ASN A 185 8.97 24.14 -0.90
CA ASN A 185 8.78 24.32 0.55
C ASN A 185 7.79 25.45 0.90
N PRO A 186 6.53 25.10 1.15
CA PRO A 186 5.52 26.15 1.22
C PRO A 186 5.43 26.85 2.58
N GLN A 187 6.25 26.46 3.54
CA GLN A 187 6.23 27.06 4.88
C GLN A 187 7.11 28.31 4.88
N HIS A 188 6.64 29.34 4.17
CA HIS A 188 7.30 30.63 4.10
C HIS A 188 6.16 31.62 4.02
N PRO A 189 6.28 32.73 4.76
CA PRO A 189 5.15 33.66 4.86
C PRO A 189 4.61 34.16 3.53
N GLU A 190 5.48 34.37 2.56
CA GLU A 190 5.02 34.89 1.28
C GLU A 190 4.12 33.84 0.58
N VAL A 191 4.49 32.58 0.75
CA VAL A 191 3.73 31.48 0.13
C VAL A 191 2.39 31.31 0.86
N GLN A 192 2.44 31.30 2.18
CA GLN A 192 1.21 31.12 2.97
C GLN A 192 0.22 32.25 2.72
N ALA A 193 0.71 33.48 2.55
CA ALA A 193 -0.18 34.59 2.28
C ALA A 193 -0.85 34.43 0.91
N ALA A 194 -0.08 33.99 -0.08
CA ALA A 194 -0.64 33.78 -1.41
C ALA A 194 -1.75 32.71 -1.38
N ILE A 195 -1.50 31.64 -0.62
CA ILE A 195 -2.46 30.52 -0.50
C ILE A 195 -3.71 30.98 0.24
N GLU A 196 -3.52 31.66 1.36
CA GLU A 196 -4.68 32.15 2.11
C GLU A 196 -5.51 33.11 1.29
N GLN A 197 -4.87 34.03 0.60
CA GLN A 197 -5.60 35.01 -0.19
C GLN A 197 -6.39 34.36 -1.35
N ALA A 198 -5.78 33.34 -1.93
CA ALA A 198 -6.46 32.58 -2.99
C ALA A 198 -7.68 31.86 -2.49
N ILE A 199 -7.55 31.19 -1.36
CA ILE A 199 -8.65 30.46 -0.74
C ILE A 199 -9.81 31.41 -0.51
N VAL A 200 -9.51 32.57 0.05
CA VAL A 200 -10.56 33.51 0.27
C VAL A 200 -11.20 34.02 -1.01
N GLN A 201 -10.39 34.36 -1.99
CA GLN A 201 -10.90 34.87 -3.27
C GLN A 201 -11.78 33.81 -3.99
N ILE A 202 -11.31 32.56 -3.93
CA ILE A 202 -12.11 31.48 -4.54
C ILE A 202 -13.47 31.36 -3.86
N ARG A 203 -13.50 31.29 -2.53
CA ARG A 203 -14.74 31.09 -1.80
C ARG A 203 -15.68 32.28 -2.03
N GLU A 204 -15.11 33.47 -2.08
CA GLU A 204 -15.96 34.66 -2.30
C GLU A 204 -16.57 34.68 -3.68
N SER A 205 -15.95 34.01 -4.64
CA SER A 205 -16.54 33.93 -5.96
C SER A 205 -17.65 32.89 -6.05
N GLY A 206 -17.94 32.19 -4.97
CA GLY A 206 -19.00 31.21 -4.97
C GLY A 206 -18.52 29.87 -5.58
N LYS A 207 -17.21 29.68 -5.60
CA LYS A 207 -16.61 28.39 -6.01
C LYS A 207 -15.85 27.72 -4.89
N ALA A 208 -15.50 26.44 -5.09
CA ALA A 208 -14.89 25.65 -4.07
C ALA A 208 -13.37 25.73 -4.07
N PRO A 209 -12.75 26.13 -2.94
CA PRO A 209 -11.31 26.08 -2.89
C PRO A 209 -10.85 24.71 -2.45
N GLY A 210 -9.74 24.26 -3.04
CA GLY A 210 -9.14 23.04 -2.60
C GLY A 210 -7.66 23.10 -2.42
N ILE A 211 -7.15 22.14 -1.68
CA ILE A 211 -5.75 22.02 -1.41
C ILE A 211 -5.34 20.69 -0.83
N LEU A 212 -4.05 20.37 -0.97
CA LEU A 212 -3.44 19.21 -0.35
C LEU A 212 -2.43 19.73 0.65
N ILE A 213 -2.50 19.20 1.86
CA ILE A 213 -1.62 19.63 2.92
C ILE A 213 -1.55 18.55 4.00
N ALA A 214 -0.34 18.07 4.25
CA ALA A 214 -0.15 16.93 5.13
C ALA A 214 0.03 17.38 6.59
N ASN A 215 0.27 18.68 6.78
CA ASN A 215 0.30 19.29 8.11
C ASN A 215 -1.11 19.56 8.62
N GLU A 216 -1.51 18.84 9.65
CA GLU A 216 -2.90 18.83 10.08
C GLU A 216 -3.39 20.18 10.65
N GLN A 217 -2.49 20.94 11.24
CA GLN A 217 -2.83 22.28 11.74
C GLN A 217 -3.05 23.30 10.60
N LEU A 218 -2.17 23.29 9.59
CA LEU A 218 -2.44 24.08 8.37
C LEU A 218 -3.73 23.64 7.68
N ALA A 219 -3.99 22.33 7.60
CA ALA A 219 -5.26 21.89 7.00
C ALA A 219 -6.45 22.51 7.71
N LYS A 220 -6.41 22.47 9.03
CA LYS A 220 -7.52 23.03 9.81
C LYS A 220 -7.63 24.55 9.59
N ARG A 221 -6.49 25.22 9.50
CA ARG A 221 -6.51 26.63 9.11
C ARG A 221 -7.21 26.90 7.77
N TYR A 222 -6.88 26.12 6.71
CA TYR A 222 -7.49 26.38 5.44
C TYR A 222 -8.99 26.10 5.38
N LEU A 223 -9.42 25.10 6.18
CA LEU A 223 -10.82 24.76 6.30
C LEU A 223 -11.55 25.97 7.00
N GLU A 224 -10.93 26.45 8.06
CA GLU A 224 -11.45 27.66 8.76
C GLU A 224 -11.66 28.81 7.77
N LEU A 225 -10.73 29.00 6.81
CA LEU A 225 -10.90 30.03 5.77
C LEU A 225 -11.87 29.79 4.65
N GLY A 226 -12.41 28.58 4.53
CA GLY A 226 -13.43 28.36 3.56
C GLY A 226 -13.09 27.29 2.50
N ALA A 227 -11.95 26.64 2.68
CA ALA A 227 -11.58 25.57 1.70
C ALA A 227 -12.65 24.47 1.81
N LEU A 228 -13.03 23.88 0.67
CA LEU A 228 -14.16 22.98 0.60
C LEU A 228 -13.71 21.55 0.18
N PHE A 229 -12.56 21.44 -0.48
CA PHE A 229 -12.01 20.07 -0.71
C PHE A 229 -10.57 20.01 -0.33
N VAL A 230 -10.34 19.41 0.82
CA VAL A 230 -9.05 19.41 1.42
C VAL A 230 -8.55 17.99 1.59
N ALA A 231 -7.47 17.68 0.87
CA ALA A 231 -6.77 16.43 1.10
C ALA A 231 -5.75 16.58 2.22
N VAL A 232 -5.80 15.67 3.18
CA VAL A 232 -5.09 15.80 4.45
C VAL A 232 -3.97 14.82 4.60
N GLY A 233 -3.70 14.00 3.57
CA GLY A 233 -2.63 13.05 3.65
C GLY A 233 -2.52 12.27 2.31
N VAL A 234 -1.44 11.51 2.22
CA VAL A 234 -1.08 10.77 0.99
C VAL A 234 -0.81 9.37 1.40
N ASP A 235 -1.37 8.38 0.67
CA ASP A 235 -1.15 7.01 1.08
C ASP A 235 0.28 6.56 1.22
N THR A 236 1.16 6.92 0.26
CA THR A 236 2.53 6.46 0.33
C THR A 236 3.24 7.03 1.57
N THR A 237 2.96 8.30 1.83
CA THR A 237 3.52 8.95 3.03
C THR A 237 3.02 8.31 4.32
N LEU A 238 1.70 8.10 4.43
CA LEU A 238 1.16 7.41 5.61
C LEU A 238 1.86 6.10 5.87
N LEU A 239 2.00 5.28 4.82
CA LEU A 239 2.58 3.98 4.98
C LEU A 239 4.08 4.06 5.32
N ALA A 240 4.82 4.87 4.57
CA ALA A 240 6.27 4.95 4.74
C ALA A 240 6.60 5.48 6.17
N ARG A 241 5.91 6.52 6.55
CA ARG A 241 6.19 7.16 7.86
C ARG A 241 5.78 6.25 9.03
N ALA A 242 4.64 5.57 8.93
CA ALA A 242 4.24 4.59 9.96
C ALA A 242 5.23 3.45 10.05
N ALA A 243 5.69 2.92 8.89
CA ALA A 243 6.61 1.84 8.93
C ALA A 243 7.97 2.26 9.54
N GLU A 244 8.44 3.42 9.11
CA GLU A 244 9.77 3.89 9.55
C GLU A 244 9.73 4.13 11.07
N ALA A 245 8.66 4.74 11.53
CA ALA A 245 8.50 5.01 13.00
C ALA A 245 8.48 3.72 13.81
N LEU A 246 7.77 2.71 13.28
CA LEU A 246 7.71 1.42 13.92
C LEU A 246 9.08 0.76 13.98
N ALA A 247 9.82 0.74 12.88
CA ALA A 247 11.10 0.08 12.87
C ALA A 247 12.03 0.80 13.90
N ALA A 248 11.94 2.09 13.93
CA ALA A 248 12.85 2.91 14.78
C ALA A 248 12.56 2.65 16.28
N ARG A 249 11.32 2.37 16.64
CA ARG A 249 10.97 2.02 18.05
C ARG A 249 11.59 0.72 18.54
N PHE A 250 12.03 -0.12 17.60
CA PHE A 250 12.72 -1.33 17.97
C PHE A 250 14.20 -1.28 17.72
N GLY A 251 14.68 -0.13 17.24
CA GLY A 251 16.08 -0.01 16.85
C GLY A 251 16.56 -1.01 15.81
N MET B 1 25.21 -14.94 -2.61
CA MET B 1 24.01 -15.74 -2.23
C MET B 1 24.06 -16.15 -0.77
N GLU B 2 24.99 -15.57 -0.02
CA GLU B 2 25.04 -15.79 1.42
C GLU B 2 23.69 -15.34 1.96
N ASN B 3 23.12 -16.14 2.86
CA ASN B 3 21.86 -15.80 3.53
C ASN B 3 22.17 -15.08 4.84
N SER B 4 22.08 -13.78 4.81
CA SER B 4 22.50 -12.96 5.97
C SER B 4 21.50 -13.05 7.11
N PHE B 5 20.22 -13.25 6.79
CA PHE B 5 19.20 -13.45 7.84
C PHE B 5 19.51 -14.72 8.61
N LYS B 6 19.81 -15.80 7.90
CA LYS B 6 20.09 -17.11 8.48
C LYS B 6 21.30 -16.92 9.43
N ALA B 7 22.32 -16.24 8.94
CA ALA B 7 23.54 -16.03 9.73
C ALA B 7 23.27 -15.21 10.99
N ALA B 8 22.41 -14.20 10.89
CA ALA B 8 22.08 -13.36 12.05
C ALA B 8 21.35 -14.20 13.08
N LEU B 9 20.42 -15.05 12.65
CA LEU B 9 19.77 -15.94 13.64
C LEU B 9 20.77 -16.86 14.36
N LYS B 10 21.68 -17.44 13.61
CA LYS B 10 22.62 -18.41 14.16
C LYS B 10 23.53 -17.68 15.16
N ALA B 11 23.78 -16.41 14.91
CA ALA B 11 24.60 -15.59 15.84
C ALA B 11 23.84 -14.95 17.00
N GLY B 12 22.53 -15.17 17.09
CA GLY B 12 21.72 -14.58 18.15
C GLY B 12 21.46 -13.11 18.08
N ARG B 13 21.47 -12.54 16.85
CA ARG B 13 21.14 -11.16 16.67
C ARG B 13 19.66 -11.10 16.34
N PRO B 14 18.85 -10.50 17.20
CA PRO B 14 17.41 -10.42 16.96
C PRO B 14 17.11 -9.60 15.70
N GLN B 15 16.13 -10.06 14.94
CA GLN B 15 15.81 -9.46 13.64
C GLN B 15 14.35 -8.97 13.72
N ILE B 16 14.14 -7.69 13.50
CA ILE B 16 12.85 -7.03 13.59
C ILE B 16 12.25 -6.97 12.17
N GLY B 17 11.01 -7.44 12.05
CA GLY B 17 10.38 -7.62 10.74
C GLY B 17 9.07 -6.91 10.57
N LEU B 18 8.67 -6.77 9.31
CA LEU B 18 7.38 -6.27 8.94
C LEU B 18 6.72 -7.28 7.97
N TRP B 19 5.44 -7.55 8.22
CA TRP B 19 4.64 -8.47 7.36
C TRP B 19 4.11 -7.69 6.15
N LEU B 20 4.24 -8.33 4.97
CA LEU B 20 3.78 -7.73 3.74
C LEU B 20 2.60 -8.54 3.15
N GLY B 21 1.44 -7.96 3.23
CA GLY B 21 0.24 -8.50 2.60
C GLY B 21 -0.34 -7.64 1.55
N LEU B 22 0.28 -6.51 1.18
CA LEU B 22 -0.28 -5.66 0.12
C LEU B 22 -0.08 -6.26 -1.29
N SER B 23 0.74 -7.29 -1.40
CA SER B 23 0.86 -8.08 -2.64
C SER B 23 1.24 -7.21 -3.83
N SER B 24 2.09 -6.23 -3.60
CA SER B 24 2.47 -5.26 -4.61
C SER B 24 4.01 -5.07 -4.61
N SER B 25 4.64 -5.12 -5.78
CA SER B 25 6.06 -4.84 -5.84
C SER B 25 6.39 -3.38 -5.60
N TYR B 26 5.43 -2.49 -5.76
CA TYR B 26 5.63 -1.08 -5.54
C TYR B 26 5.67 -0.74 -4.07
N SER B 27 4.64 -1.12 -3.31
CA SER B 27 4.73 -0.93 -1.85
C SER B 27 5.82 -1.75 -1.19
N ALA B 28 6.20 -2.92 -1.74
CA ALA B 28 7.28 -3.70 -1.20
C ALA B 28 8.57 -2.84 -1.25
N GLU B 29 8.81 -2.18 -2.38
CA GLU B 29 10.01 -1.35 -2.48
C GLU B 29 9.95 -0.21 -1.43
N LEU B 30 8.82 0.49 -1.36
CA LEU B 30 8.64 1.60 -0.41
C LEU B 30 8.95 1.09 1.01
N LEU B 31 8.47 -0.11 1.33
CA LEU B 31 8.66 -0.62 2.71
C LEU B 31 10.06 -1.17 2.92
N ALA B 32 10.74 -1.59 1.84
CA ALA B 32 12.08 -2.13 1.94
C ALA B 32 13.10 -1.08 2.41
N GLY B 33 12.74 0.17 2.29
CA GLY B 33 13.61 1.27 2.67
C GLY B 33 13.31 1.81 4.07
N ALA B 34 12.41 1.14 4.79
CA ALA B 34 11.91 1.66 6.06
C ALA B 34 12.77 1.28 7.28
N GLY B 35 13.74 0.41 7.10
CA GLY B 35 14.67 0.08 8.18
C GLY B 35 14.47 -1.25 8.90
N PHE B 36 13.61 -2.15 8.39
CA PHE B 36 13.48 -3.44 8.99
C PHE B 36 14.56 -4.40 8.65
N ASP B 37 14.82 -5.37 9.54
CA ASP B 37 15.77 -6.39 9.24
C ASP B 37 15.25 -7.43 8.23
N TRP B 38 13.95 -7.71 8.32
CA TRP B 38 13.34 -8.70 7.44
C TRP B 38 11.92 -8.29 7.09
N LEU B 39 11.45 -8.83 5.93
CA LEU B 39 10.12 -8.57 5.43
C LEU B 39 9.52 -9.92 5.05
N LEU B 40 8.27 -10.15 5.45
CA LEU B 40 7.61 -11.42 5.20
C LEU B 40 6.61 -11.25 4.06
N ILE B 41 6.89 -11.90 2.93
CA ILE B 41 5.97 -11.90 1.79
C ILE B 41 5.03 -13.07 1.96
N ASP B 42 3.74 -12.74 2.23
CA ASP B 42 2.80 -13.75 2.68
C ASP B 42 2.04 -14.40 1.50
N GLY B 43 2.41 -15.63 1.19
CA GLY B 43 1.71 -16.41 0.19
C GLY B 43 0.56 -17.21 0.74
N GLU B 44 0.30 -17.13 2.05
CA GLU B 44 -0.75 -17.94 2.64
C GLU B 44 -2.03 -17.13 2.83
N HIS B 45 -1.94 -15.95 3.42
CA HIS B 45 -3.11 -15.14 3.72
C HIS B 45 -3.24 -13.84 2.96
N ALA B 46 -2.36 -13.60 1.97
CA ALA B 46 -2.49 -12.49 1.06
C ALA B 46 -2.51 -13.03 -0.36
N PRO B 47 -3.07 -12.26 -1.30
CA PRO B 47 -3.23 -12.73 -2.68
C PRO B 47 -1.93 -12.72 -3.52
N ASN B 48 -0.94 -13.44 -3.05
CA ASN B 48 0.34 -13.61 -3.76
C ASN B 48 0.39 -14.99 -4.42
N ASN B 49 1.29 -15.10 -5.42
CA ASN B 49 1.61 -16.37 -6.00
C ASN B 49 3.08 -16.32 -6.38
N VAL B 50 3.57 -17.35 -7.06
CA VAL B 50 5.02 -17.38 -7.34
C VAL B 50 5.44 -16.16 -8.11
N GLN B 51 4.62 -15.73 -9.07
CA GLN B 51 4.98 -14.55 -9.88
CA GLN B 51 4.89 -14.57 -9.87
C GLN B 51 5.01 -13.26 -9.11
N THR B 52 4.09 -13.04 -8.17
CA THR B 52 4.15 -11.82 -7.40
C THR B 52 5.25 -11.87 -6.35
N VAL B 53 5.55 -13.04 -5.87
CA VAL B 53 6.72 -13.22 -4.96
C VAL B 53 7.98 -12.75 -5.73
N LEU B 54 8.14 -13.27 -6.96
CA LEU B 54 9.29 -12.87 -7.78
C LEU B 54 9.44 -11.38 -7.90
N THR B 55 8.37 -10.64 -8.24
CA THR B 55 8.52 -9.23 -8.43
C THR B 55 8.80 -8.47 -7.13
N GLN B 56 8.23 -8.99 -6.02
CA GLN B 56 8.57 -8.39 -4.72
C GLN B 56 10.05 -8.68 -4.30
N LEU B 57 10.56 -9.86 -4.59
CA LEU B 57 12.01 -10.17 -4.38
C LEU B 57 12.84 -9.20 -5.20
N GLN B 58 12.46 -8.97 -6.46
CA GLN B 58 13.22 -8.03 -7.28
C GLN B 58 13.21 -6.60 -6.70
N ALA B 59 12.06 -6.17 -6.20
CA ALA B 59 11.92 -4.84 -5.68
C ALA B 59 12.77 -4.67 -4.42
N ILE B 60 12.76 -5.68 -3.59
CA ILE B 60 13.47 -5.63 -2.28
C ILE B 60 14.99 -5.73 -2.43
N ALA B 61 15.45 -6.38 -3.48
CA ALA B 61 16.84 -6.80 -3.63
C ALA B 61 17.92 -5.75 -3.29
N PRO B 62 17.79 -4.49 -3.74
CA PRO B 62 18.93 -3.55 -3.48
C PRO B 62 18.97 -3.03 -2.06
N TYR B 63 17.95 -3.33 -1.26
CA TYR B 63 17.85 -2.83 0.10
C TYR B 63 18.43 -3.78 1.11
N PRO B 64 18.71 -3.27 2.34
CA PRO B 64 19.30 -4.18 3.33
C PRO B 64 18.32 -5.17 3.96
N SER B 65 17.02 -4.86 3.89
CA SER B 65 16.00 -5.73 4.49
C SER B 65 15.94 -7.07 3.78
N GLN B 66 15.87 -8.17 4.54
CA GLN B 66 16.02 -9.49 3.93
C GLN B 66 14.62 -10.11 3.78
N PRO B 67 14.35 -10.68 2.61
CA PRO B 67 13.03 -11.27 2.39
C PRO B 67 12.94 -12.67 2.95
N VAL B 68 11.72 -12.96 3.47
CA VAL B 68 11.30 -14.28 3.91
C VAL B 68 9.92 -14.51 3.26
N VAL B 69 9.71 -15.71 2.77
CA VAL B 69 8.46 -16.03 2.07
C VAL B 69 7.69 -17.11 2.79
N ARG B 70 6.38 -16.90 2.95
CA ARG B 70 5.47 -17.87 3.51
C ARG B 70 4.67 -18.55 2.37
N PRO B 71 4.97 -19.83 2.07
CA PRO B 71 4.11 -20.54 1.10
C PRO B 71 2.73 -20.80 1.70
N SER B 72 1.76 -21.20 0.84
CA SER B 72 0.40 -21.35 1.31
C SER B 72 0.23 -22.60 2.18
N TRP B 73 1.16 -23.53 2.04
CA TRP B 73 1.13 -24.82 2.71
CA TRP B 73 1.23 -24.73 2.88
C TRP B 73 2.55 -25.41 2.66
N ASN B 74 2.81 -26.45 3.45
CA ASN B 74 4.05 -27.21 3.36
C ASN B 74 3.98 -28.18 2.18
N ASP B 75 4.14 -27.59 1.00
CA ASP B 75 3.95 -28.29 -0.31
C ASP B 75 5.28 -28.28 -1.04
N PRO B 76 5.87 -29.43 -1.26
CA PRO B 76 7.20 -29.47 -1.89
C PRO B 76 7.23 -28.85 -3.30
N VAL B 77 6.11 -28.92 -4.02
CA VAL B 77 6.09 -28.37 -5.39
C VAL B 77 6.11 -26.87 -5.36
N GLN B 78 5.26 -26.29 -4.52
CA GLN B 78 5.25 -24.85 -4.32
C GLN B 78 6.59 -24.32 -3.77
N ILE B 79 7.15 -25.07 -2.82
CA ILE B 79 8.47 -24.72 -2.28
C ILE B 79 9.54 -24.72 -3.37
N LYS B 80 9.56 -25.74 -4.22
CA LYS B 80 10.49 -25.83 -5.36
C LYS B 80 10.35 -24.56 -6.18
N GLN B 81 9.12 -24.17 -6.49
CA GLN B 81 8.92 -23.01 -7.34
C GLN B 81 9.40 -21.72 -6.72
N LEU B 82 9.12 -21.55 -5.41
CA LEU B 82 9.59 -20.38 -4.70
C LEU B 82 11.10 -20.30 -4.62
N LEU B 83 11.74 -21.43 -4.40
CA LEU B 83 13.20 -21.46 -4.33
C LEU B 83 13.80 -21.08 -5.70
N ASP B 84 13.21 -21.60 -6.78
CA ASP B 84 13.81 -21.26 -8.10
C ASP B 84 13.74 -19.79 -8.46
N VAL B 85 12.71 -19.06 -7.99
CA VAL B 85 12.66 -17.64 -8.20
C VAL B 85 13.56 -16.82 -7.26
N GLY B 86 14.23 -17.53 -6.34
CA GLY B 86 15.24 -16.91 -5.52
C GLY B 86 14.99 -16.89 -4.03
N THR B 87 13.89 -17.49 -3.56
CA THR B 87 13.61 -17.51 -2.12
C THR B 87 14.68 -18.34 -1.40
N GLN B 88 15.24 -17.80 -0.29
CA GLN B 88 16.20 -18.55 0.49
C GLN B 88 15.74 -18.76 1.93
N THR B 89 14.75 -18.02 2.36
CA THR B 89 14.24 -18.20 3.75
C THR B 89 12.73 -18.39 3.66
N LEU B 90 12.27 -19.51 4.20
CA LEU B 90 10.87 -19.90 4.09
C LEU B 90 10.24 -20.00 5.50
N LEU B 91 9.04 -19.48 5.63
CA LEU B 91 8.24 -19.63 6.85
C LEU B 91 7.07 -20.55 6.51
N VAL B 92 7.15 -21.77 6.98
CA VAL B 92 6.21 -22.83 6.56
C VAL B 92 5.04 -22.97 7.53
N PRO B 93 3.80 -22.79 7.05
CA PRO B 93 2.64 -22.79 7.97
C PRO B 93 2.26 -24.19 8.37
N MET B 94 1.62 -24.26 9.56
CA MET B 94 0.96 -25.50 9.99
C MET B 94 1.86 -26.75 10.03
N VAL B 95 3.05 -26.64 10.58
CA VAL B 95 3.90 -27.77 10.79
C VAL B 95 3.51 -28.40 12.13
N GLN B 96 3.03 -29.63 12.05
CA GLN B 96 2.35 -30.25 13.22
C GLN B 96 3.22 -31.21 14.02
N ASN B 97 4.27 -31.71 13.39
CA ASN B 97 5.08 -32.76 13.95
C ASN B 97 6.45 -32.80 13.28
N ALA B 98 7.36 -33.63 13.79
CA ALA B 98 8.71 -33.69 13.29
C ALA B 98 8.80 -34.23 11.84
N ASP B 99 7.92 -35.16 11.48
CA ASP B 99 7.94 -35.68 10.10
C ASP B 99 7.67 -34.53 9.10
N GLU B 100 6.70 -33.68 9.43
CA GLU B 100 6.34 -32.52 8.58
C GLU B 100 7.45 -31.48 8.56
N ALA B 101 8.10 -31.27 9.71
CA ALA B 101 9.26 -30.39 9.72
C ALA B 101 10.37 -30.92 8.81
N ARG B 102 10.63 -32.23 8.87
CA ARG B 102 11.67 -32.85 8.07
C ARG B 102 11.34 -32.73 6.56
N GLU B 103 10.07 -32.90 6.24
CA GLU B 103 9.62 -32.77 4.83
C GLU B 103 9.86 -31.35 4.33
N ALA B 104 9.61 -30.37 5.18
CA ALA B 104 9.83 -28.94 4.82
C ALA B 104 11.31 -28.77 4.54
N VAL B 105 12.17 -29.26 5.43
CA VAL B 105 13.59 -29.15 5.21
C VAL B 105 14.06 -29.83 3.92
N ARG B 106 13.60 -31.04 3.68
CA ARG B 106 14.07 -31.80 2.54
C ARG B 106 13.60 -31.18 1.23
N ALA B 107 12.46 -30.50 1.28
CA ALA B 107 11.97 -29.81 0.08
C ALA B 107 12.91 -28.69 -0.37
N THR B 108 13.81 -28.23 0.50
CA THR B 108 14.68 -27.12 0.19
C THR B 108 16.08 -27.52 -0.23
N ARG B 109 16.39 -28.82 -0.14
CA ARG B 109 17.75 -29.30 -0.34
C ARG B 109 17.84 -30.24 -1.55
N TYR B 110 18.87 -30.03 -2.36
CA TYR B 110 19.13 -30.94 -3.45
C TYR B 110 19.58 -32.31 -2.93
N PRO B 111 19.32 -33.37 -3.72
CA PRO B 111 19.79 -34.72 -3.36
C PRO B 111 21.28 -34.67 -3.12
N PRO B 112 21.77 -35.50 -2.20
CA PRO B 112 20.98 -36.50 -1.48
C PRO B 112 20.32 -35.95 -0.20
N ALA B 113 20.63 -34.70 0.18
CA ALA B 113 20.09 -34.14 1.43
C ALA B 113 18.60 -33.81 1.35
N GLY B 114 18.03 -33.80 0.16
CA GLY B 114 16.62 -33.53 0.01
C GLY B 114 16.10 -33.92 -1.34
N ILE B 115 14.93 -33.40 -1.69
CA ILE B 115 14.26 -33.74 -2.95
C ILE B 115 14.05 -32.53 -3.84
N ARG B 116 14.78 -31.44 -3.61
CA ARG B 116 14.61 -30.27 -4.44
C ARG B 116 14.91 -30.65 -5.90
N GLY B 117 13.98 -30.32 -6.81
CA GLY B 117 14.18 -30.54 -8.24
C GLY B 117 15.23 -29.59 -8.83
N VAL B 118 16.02 -30.10 -9.77
CA VAL B 118 17.11 -29.33 -10.36
C VAL B 118 16.67 -28.66 -11.67
N GLY B 119 16.83 -27.36 -11.71
CA GLY B 119 16.44 -26.54 -12.85
C GLY B 119 17.18 -25.22 -12.85
N SER B 120 18.50 -25.28 -12.64
CA SER B 120 19.37 -24.10 -12.44
C SER B 120 19.53 -23.13 -13.60
N ALA B 121 19.59 -23.63 -14.81
CA ALA B 121 19.72 -22.78 -15.99
C ALA B 121 18.58 -21.80 -16.08
N LEU B 122 17.41 -22.21 -15.60
CA LEU B 122 16.19 -21.42 -15.76
C LEU B 122 15.91 -20.49 -14.61
N ALA B 123 16.73 -20.55 -13.58
CA ALA B 123 16.29 -20.01 -12.28
C ALA B 123 16.95 -18.70 -11.96
N ARG B 124 16.18 -17.72 -11.49
CA ARG B 124 16.76 -16.58 -10.85
C ARG B 124 17.66 -17.01 -9.68
N ALA B 125 17.32 -18.10 -9.05
CA ALA B 125 18.09 -18.50 -7.82
C ALA B 125 19.59 -18.64 -8.10
N SER B 126 19.93 -19.17 -9.27
CA SER B 126 21.35 -19.31 -9.66
C SER B 126 21.82 -18.13 -10.52
N ARG B 127 20.98 -17.09 -10.64
CA ARG B 127 21.15 -16.02 -11.63
C ARG B 127 21.44 -16.65 -13.00
N TRP B 128 20.59 -17.60 -13.36
CA TRP B 128 20.63 -18.22 -14.68
C TRP B 128 22.03 -18.79 -14.96
N ASN B 129 22.55 -19.46 -13.92
CA ASN B 129 23.84 -20.18 -13.94
C ASN B 129 25.07 -19.32 -13.89
N ARG B 130 24.92 -18.06 -13.53
CA ARG B 130 26.06 -17.22 -13.22
C ARG B 130 26.74 -17.40 -11.91
N ILE B 131 25.99 -17.82 -10.90
CA ILE B 131 26.59 -18.11 -9.62
C ILE B 131 27.39 -19.40 -9.76
N PRO B 132 28.71 -19.29 -9.57
CA PRO B 132 29.53 -20.48 -9.77
C PRO B 132 29.27 -21.53 -8.67
N ASP B 133 29.12 -22.79 -9.09
CA ASP B 133 28.98 -23.90 -8.17
C ASP B 133 27.69 -23.74 -7.37
N TYR B 134 26.69 -23.13 -7.99
CA TYR B 134 25.42 -22.93 -7.31
C TYR B 134 24.90 -24.23 -6.71
N LEU B 135 24.93 -25.31 -7.48
CA LEU B 135 24.35 -26.55 -7.03
C LEU B 135 24.99 -27.06 -5.74
N GLN B 136 26.28 -26.76 -5.55
CA GLN B 136 27.00 -27.21 -4.36
C GLN B 136 26.88 -26.25 -3.19
N LYS B 137 26.52 -25.00 -3.47
CA LYS B 137 26.49 -23.97 -2.45
C LYS B 137 25.07 -23.73 -1.90
N ALA B 138 24.07 -24.18 -2.64
CA ALA B 138 22.71 -23.66 -2.34
C ALA B 138 22.15 -24.18 -1.01
N ASN B 139 22.37 -25.46 -0.73
CA ASN B 139 21.70 -26.13 0.42
C ASN B 139 22.04 -25.40 1.70
N ASP B 140 23.32 -25.03 1.84
CA ASP B 140 23.75 -24.36 3.05
C ASP B 140 23.20 -22.96 3.30
N GLN B 141 22.67 -22.29 2.26
CA GLN B 141 22.13 -20.96 2.47
C GLN B 141 20.60 -20.96 2.55
N MET B 142 19.98 -22.12 2.60
CA MET B 142 18.53 -22.22 2.81
C MET B 142 18.24 -22.17 4.32
N CYS B 143 17.24 -21.38 4.67
CA CYS B 143 16.83 -21.20 6.04
C CYS B 143 15.35 -21.58 6.19
N VAL B 144 15.07 -22.64 6.93
CA VAL B 144 13.73 -23.15 7.11
C VAL B 144 13.20 -22.80 8.50
N LEU B 145 12.10 -22.07 8.52
CA LEU B 145 11.39 -21.60 9.73
C LEU B 145 10.06 -22.32 9.70
N VAL B 146 9.67 -23.01 10.79
CA VAL B 146 8.41 -23.75 10.78
C VAL B 146 7.44 -23.14 11.76
N GLN B 147 6.17 -23.06 11.39
CA GLN B 147 5.18 -22.49 12.27
C GLN B 147 4.49 -23.55 13.14
N ILE B 148 4.40 -23.29 14.45
CA ILE B 148 3.60 -24.16 15.33
C ILE B 148 2.34 -23.36 15.70
N GLU B 149 1.17 -23.96 15.43
CA GLU B 149 -0.06 -23.20 15.38
C GLU B 149 -1.21 -23.89 16.06
N THR B 150 -0.93 -25.02 16.70
CA THR B 150 -1.98 -25.83 17.34
C THR B 150 -1.48 -26.48 18.61
N ARG B 151 -2.41 -26.93 19.45
CA ARG B 151 -1.99 -27.69 20.61
C ARG B 151 -1.17 -28.92 20.27
N GLU B 152 -1.53 -29.58 19.17
CA GLU B 152 -0.79 -30.76 18.73
C GLU B 152 0.67 -30.39 18.43
N ALA B 153 0.87 -29.29 17.70
CA ALA B 153 2.24 -28.86 17.40
C ALA B 153 3.02 -28.51 18.65
N MET B 154 2.39 -27.81 19.59
CA MET B 154 3.05 -27.49 20.88
C MET B 154 3.50 -28.76 21.60
N LYS B 155 2.65 -29.79 21.59
CA LYS B 155 3.02 -31.08 22.19
C LYS B 155 4.21 -31.71 21.50
N ASN B 156 4.31 -31.55 20.17
CA ASN B 156 5.41 -32.14 19.43
C ASN B 156 6.66 -31.28 19.34
N LEU B 157 6.66 -30.14 20.00
CA LEU B 157 7.75 -29.19 19.86
C LEU B 157 9.10 -29.78 20.17
N PRO B 158 9.27 -30.58 21.18
CA PRO B 158 10.59 -31.14 21.44
C PRO B 158 11.17 -31.93 20.31
N GLN B 159 10.35 -32.70 19.66
CA GLN B 159 10.76 -33.49 18.55
C GLN B 159 11.05 -32.64 17.30
N ILE B 160 10.26 -31.61 17.09
CA ILE B 160 10.47 -30.65 16.04
C ILE B 160 11.79 -29.94 16.22
N LEU B 161 12.09 -29.50 17.43
CA LEU B 161 13.38 -28.88 17.71
C LEU B 161 14.57 -29.83 17.47
N ASP B 162 14.33 -31.12 17.40
CA ASP B 162 15.40 -32.04 17.16
C ASP B 162 15.67 -32.26 15.67
N VAL B 163 14.89 -31.65 14.79
CA VAL B 163 15.05 -31.91 13.36
C VAL B 163 16.15 -31.02 12.78
N GLU B 164 17.18 -31.63 12.19
CA GLU B 164 18.30 -30.88 11.65
C GLU B 164 17.79 -30.11 10.43
N GLY B 165 18.21 -28.86 10.32
CA GLY B 165 17.76 -28.01 9.21
C GLY B 165 16.60 -27.12 9.57
N VAL B 166 15.92 -27.40 10.70
CA VAL B 166 14.97 -26.44 11.22
C VAL B 166 15.75 -25.36 11.94
N ASP B 167 15.78 -24.15 11.36
CA ASP B 167 16.59 -23.07 11.92
C ASP B 167 15.83 -22.23 12.92
N GLY B 168 14.51 -22.25 12.78
CA GLY B 168 13.66 -21.40 13.56
C GLY B 168 12.27 -21.97 13.68
N VAL B 169 11.63 -21.63 14.78
CA VAL B 169 10.29 -22.08 15.07
C VAL B 169 9.47 -20.86 15.40
N PHE B 170 8.41 -20.64 14.63
CA PHE B 170 7.59 -19.47 14.69
C PHE B 170 6.26 -19.81 15.31
N ILE B 171 5.83 -19.01 16.27
CA ILE B 171 4.51 -19.22 16.89
C ILE B 171 3.51 -18.27 16.28
N GLY B 172 2.42 -18.85 15.78
CA GLY B 172 1.36 -18.03 15.22
C GLY B 172 0.26 -17.87 16.26
N PRO B 173 0.17 -16.68 16.85
CA PRO B 173 -0.77 -16.50 17.96
C PRO B 173 -2.25 -16.51 17.56
N ALA B 174 -2.58 -16.07 16.35
CA ALA B 174 -4.00 -16.05 15.93
C ALA B 174 -4.49 -17.50 15.80
N ASP B 175 -3.80 -18.30 14.98
CA ASP B 175 -4.19 -19.71 14.79
C ASP B 175 -4.13 -20.48 16.13
N LEU B 176 -3.11 -20.23 16.93
CA LEU B 176 -2.95 -21.00 18.14
C LEU B 176 -4.09 -20.69 19.11
N SER B 177 -4.38 -19.41 19.28
CA SER B 177 -5.47 -19.02 20.17
C SER B 177 -6.79 -19.62 19.70
N ALA B 178 -7.04 -19.59 18.38
CA ALA B 178 -8.24 -20.23 17.82
C ALA B 178 -8.30 -21.70 18.14
N ASP B 179 -7.17 -22.41 18.01
CA ASP B 179 -7.16 -23.84 18.25
C ASP B 179 -7.36 -24.09 19.74
N MET B 180 -6.96 -23.13 20.57
CA MET B 180 -7.05 -23.33 22.02
C MET B 180 -8.44 -22.94 22.55
N GLY B 181 -9.28 -22.39 21.70
CA GLY B 181 -10.64 -22.07 22.12
C GLY B 181 -10.93 -20.60 22.32
N TYR B 182 -9.99 -19.72 21.96
CA TYR B 182 -10.17 -18.29 22.14
C TYR B 182 -10.32 -17.52 20.84
N ALA B 183 -10.86 -18.16 19.83
CA ALA B 183 -11.27 -17.49 18.60
C ALA B 183 -10.29 -16.47 18.14
N GLY B 184 -9.06 -16.87 17.96
CA GLY B 184 -8.08 -16.06 17.24
C GLY B 184 -7.60 -14.87 17.99
N ASN B 185 -8.07 -14.75 19.22
CA ASN B 185 -7.69 -13.66 20.09
C ASN B 185 -6.71 -13.99 21.23
N PRO B 186 -5.48 -13.55 21.12
CA PRO B 186 -4.47 -14.19 21.93
C PRO B 186 -4.21 -13.58 23.30
N GLN B 187 -4.87 -12.51 23.62
CA GLN B 187 -4.64 -11.89 24.89
C GLN B 187 -5.46 -12.62 25.96
N HIS B 188 -5.00 -13.80 26.30
CA HIS B 188 -5.59 -14.63 27.34
C HIS B 188 -4.45 -15.32 28.02
N PRO B 189 -4.51 -15.44 29.34
CA PRO B 189 -3.37 -15.95 30.09
C PRO B 189 -2.88 -17.30 29.61
N GLU B 190 -3.80 -18.18 29.27
CA GLU B 190 -3.43 -19.51 28.84
C GLU B 190 -2.63 -19.47 27.52
N VAL B 191 -3.04 -18.57 26.63
CA VAL B 191 -2.40 -18.44 25.31
C VAL B 191 -1.02 -17.83 25.56
N GLN B 192 -0.96 -16.77 26.35
CA GLN B 192 0.33 -16.14 26.61
C GLN B 192 1.30 -17.08 27.27
N ALA B 193 0.81 -17.95 28.18
CA ALA B 193 1.70 -18.85 28.84
C ALA B 193 2.29 -19.85 27.85
N ALA B 194 1.44 -20.35 26.98
CA ALA B 194 1.87 -21.31 25.97
C ALA B 194 2.92 -20.66 25.05
N ILE B 195 2.68 -19.44 24.64
CA ILE B 195 3.61 -18.70 23.74
C ILE B 195 4.94 -18.49 24.44
N GLU B 196 4.92 -17.97 25.66
CA GLU B 196 6.18 -17.66 26.34
C GLU B 196 6.98 -18.89 26.70
N GLN B 197 6.31 -19.96 27.14
CA GLN B 197 6.96 -21.21 27.38
C GLN B 197 7.65 -21.74 26.13
N ALA B 198 6.95 -21.67 25.01
CA ALA B 198 7.54 -22.17 23.76
C ALA B 198 8.80 -21.38 23.38
N ILE B 199 8.73 -20.06 23.49
CA ILE B 199 9.87 -19.21 23.15
C ILE B 199 11.07 -19.63 23.98
N VAL B 200 10.89 -19.80 25.30
CA VAL B 200 12.01 -20.24 26.12
C VAL B 200 12.57 -21.56 25.69
N GLN B 201 11.71 -22.53 25.42
CA GLN B 201 12.09 -23.87 25.07
C GLN B 201 12.81 -23.90 23.69
N ILE B 202 12.30 -23.08 22.78
CA ILE B 202 12.92 -22.99 21.46
C ILE B 202 14.32 -22.45 21.59
N ARG B 203 14.48 -21.36 22.32
CA ARG B 203 15.78 -20.71 22.44
C ARG B 203 16.77 -21.63 23.17
N GLU B 204 16.27 -22.35 24.16
CA GLU B 204 17.09 -23.31 24.87
C GLU B 204 17.72 -24.39 23.99
N SER B 205 17.03 -24.80 22.91
CA SER B 205 17.56 -25.79 21.96
C SER B 205 18.62 -25.24 21.03
N GLY B 206 18.86 -23.94 21.06
CA GLY B 206 19.85 -23.29 20.21
C GLY B 206 19.23 -22.78 18.89
N LYS B 207 17.92 -22.96 18.76
CA LYS B 207 17.16 -22.52 17.55
C LYS B 207 16.48 -21.20 17.78
N ALA B 208 16.06 -20.53 16.71
CA ALA B 208 15.52 -19.22 16.79
C ALA B 208 14.01 -19.20 16.99
N PRO B 209 13.52 -18.53 18.05
CA PRO B 209 12.09 -18.35 18.15
C PRO B 209 11.64 -17.16 17.35
N GLY B 210 10.46 -17.31 16.76
CA GLY B 210 9.84 -16.20 16.06
C GLY B 210 8.37 -16.05 16.36
N ILE B 211 7.85 -14.88 16.07
CA ILE B 211 6.47 -14.55 16.28
C ILE B 211 6.12 -13.27 15.57
N LEU B 212 4.83 -13.08 15.29
CA LEU B 212 4.26 -11.85 14.83
C LEU B 212 3.39 -11.32 15.94
N ILE B 213 3.59 -10.07 16.27
CA ILE B 213 2.86 -9.41 17.33
C ILE B 213 2.86 -7.93 17.10
N ALA B 214 1.65 -7.38 16.93
CA ALA B 214 1.46 -5.96 16.66
C ALA B 214 1.42 -5.09 17.92
N ASN B 215 1.25 -5.72 19.08
CA ASN B 215 1.39 -5.03 20.38
C ASN B 215 2.85 -4.92 20.77
N GLU B 216 3.30 -3.70 20.88
CA GLU B 216 4.69 -3.39 20.96
C GLU B 216 5.23 -3.78 22.33
N GLN B 217 4.41 -3.67 23.33
CA GLN B 217 4.83 -4.10 24.63
C GLN B 217 5.06 -5.60 24.70
N LEU B 218 4.19 -6.37 24.11
CA LEU B 218 4.36 -7.79 24.05
C LEU B 218 5.55 -8.20 23.17
N ALA B 219 5.75 -7.50 22.09
CA ALA B 219 6.93 -7.73 21.25
C ALA B 219 8.22 -7.63 22.10
N LYS B 220 8.31 -6.58 22.91
CA LYS B 220 9.50 -6.41 23.75
C LYS B 220 9.64 -7.52 24.80
N ARG B 221 8.52 -7.91 25.37
CA ARG B 221 8.47 -9.04 26.26
C ARG B 221 8.98 -10.32 25.61
N TYR B 222 8.56 -10.59 24.38
CA TYR B 222 9.02 -11.80 23.72
C TYR B 222 10.50 -11.76 23.37
N LEU B 223 10.98 -10.59 22.99
CA LEU B 223 12.37 -10.40 22.71
C LEU B 223 13.18 -10.63 23.99
N GLU B 224 12.67 -10.13 25.12
CA GLU B 224 13.36 -10.33 26.42
C GLU B 224 13.49 -11.80 26.77
N LEU B 225 12.51 -12.61 26.36
CA LEU B 225 12.56 -14.03 26.59
C LEU B 225 13.42 -14.81 25.61
N GLY B 226 13.96 -14.15 24.58
CA GLY B 226 14.90 -14.81 23.70
C GLY B 226 14.41 -14.96 22.23
N ALA B 227 13.27 -14.37 21.90
CA ALA B 227 12.82 -14.45 20.48
C ALA B 227 13.85 -13.75 19.59
N LEU B 228 14.08 -14.33 18.40
CA LEU B 228 15.09 -13.82 17.48
C LEU B 228 14.53 -13.32 16.12
N PHE B 229 13.33 -13.75 15.73
CA PHE B 229 12.73 -13.06 14.56
C PHE B 229 11.33 -12.65 14.88
N VAL B 230 11.19 -11.38 15.11
CA VAL B 230 9.95 -10.86 15.59
C VAL B 230 9.42 -9.85 14.61
N ALA B 231 8.27 -10.18 14.05
CA ALA B 231 7.58 -9.23 13.21
C ALA B 231 6.68 -8.35 14.04
N VAL B 232 6.80 -7.03 13.89
CA VAL B 232 6.18 -6.10 14.83
C VAL B 232 5.01 -5.30 14.23
N GLY B 233 4.64 -5.62 12.98
CA GLY B 233 3.49 -4.99 12.39
C GLY B 233 3.24 -5.59 10.98
N VAL B 234 2.14 -5.15 10.41
CA VAL B 234 1.62 -5.64 9.12
C VAL B 234 1.31 -4.46 8.25
N ASP B 235 1.78 -4.47 6.98
CA ASP B 235 1.56 -3.32 6.15
C ASP B 235 0.12 -2.90 6.01
N THR B 236 -0.79 -3.84 5.76
CA THR B 236 -2.19 -3.50 5.58
C THR B 236 -2.78 -2.81 6.84
N THR B 237 -2.40 -3.36 7.98
CA THR B 237 -2.82 -2.75 9.26
C THR B 237 -2.26 -1.34 9.49
N LEU B 238 -0.96 -1.17 9.30
CA LEU B 238 -0.35 0.16 9.43
C LEU B 238 -1.08 1.15 8.54
N LEU B 239 -1.36 0.77 7.28
CA LEU B 239 -2.00 1.69 6.39
C LEU B 239 -3.44 2.03 6.76
N ALA B 240 -4.22 0.99 7.03
CA ALA B 240 -5.63 1.14 7.33
C ALA B 240 -5.83 1.94 8.61
N ARG B 241 -5.02 1.63 9.62
CA ARG B 241 -5.19 2.29 10.94
C ARG B 241 -4.74 3.74 10.84
N ALA B 242 -3.66 4.01 10.12
CA ALA B 242 -3.19 5.40 9.98
C ALA B 242 -4.19 6.21 9.21
N ALA B 243 -4.76 5.64 8.15
CA ALA B 243 -5.72 6.37 7.34
C ALA B 243 -7.01 6.64 8.12
N GLU B 244 -7.47 5.63 8.84
CA GLU B 244 -8.72 5.75 9.60
C GLU B 244 -8.52 6.84 10.69
N ALA B 245 -7.38 6.81 11.35
CA ALA B 245 -7.14 7.78 12.45
C ALA B 245 -7.10 9.21 11.89
N LEU B 246 -6.45 9.37 10.74
CA LEU B 246 -6.41 10.66 10.07
C LEU B 246 -7.76 11.17 9.71
N ALA B 247 -8.61 10.36 9.08
CA ALA B 247 -9.93 10.79 8.70
C ALA B 247 -10.74 11.23 9.94
N ALA B 248 -10.67 10.42 10.98
CA ALA B 248 -11.40 10.67 12.22
C ALA B 248 -11.00 12.02 12.84
N ARG B 249 -9.73 12.38 12.76
CA ARG B 249 -9.28 13.69 13.28
C ARG B 249 -9.89 14.90 12.57
N PHE B 250 -10.51 14.69 11.42
CA PHE B 250 -11.14 15.76 10.67
C PHE B 250 -12.65 15.61 10.64
N GLY B 251 -13.18 14.65 11.41
CA GLY B 251 -14.59 14.31 11.35
C GLY B 251 -14.96 13.59 10.06
C3 3GR C . -2.58 -6.19 -5.29
C3 3GR C . -1.44 -5.15 -6.61
O3 3GR C . -1.70 -5.64 -6.29
O3 3GR C . -1.72 -3.80 -6.99
C2 3GR C . -3.38 -7.34 -5.89
C2 3GR C . -2.53 -5.65 -5.65
O2 3GR C . -3.57 -8.35 -4.90
O2 3GR C . -1.92 -6.13 -4.44
C1 3GR C . -4.72 -6.83 -6.37
C1 3GR C . -3.30 -6.78 -6.31
O1 3GR C . -5.48 -7.92 -6.90
O1 3GR C . -3.68 -7.74 -5.32
H1C1 3GR C . -4.58 -6.09 -7.15
H1C1 3GR C . -2.67 -7.26 -7.07
CO CO D . 1.24 20.22 -8.44
P PO4 E . 5.77 17.17 -2.07
O1 PO4 E . 4.96 16.11 -2.77
O2 PO4 E . 6.86 17.65 -3.00
O3 PO4 E . 4.87 18.31 -1.69
O4 PO4 E . 6.40 16.64 -0.80
P PO4 F . -21.09 27.82 -1.25
O1 PO4 F . -19.94 27.54 -2.18
O2 PO4 F . -20.59 28.41 0.05
O3 PO4 F . -22.04 28.79 -1.91
O4 PO4 F . -21.84 26.54 -0.97
C PYR G . 1.09 20.34 -5.45
O PYR G . 1.39 20.43 -4.18
OXT PYR G . 1.75 21.07 -6.34
CA PYR G . 0.07 19.48 -5.85
O3 PYR G . -0.16 19.35 -7.14
CB PYR G . -0.78 18.76 -4.87
MG MG H . 1.24 20.21 -8.43
C1 GOL I . 1.51 -0.56 -8.02
C1 GOL I . 0.94 -1.71 -7.37
O1 GOL I . 1.05 -1.89 -7.76
O1 GOL I . 0.74 -3.13 -7.43
C2 GOL I . 2.31 -0.55 -9.32
C2 GOL I . 1.33 -1.20 -8.75
O2 GOL I . 2.90 0.74 -9.51
O2 GOL I . 2.21 -2.14 -9.38
C3 GOL I . 3.40 -1.61 -9.27
C3 GOL I . 2.04 0.14 -8.61
O3 GOL I . 4.32 -1.41 -10.34
O3 GOL I . 2.91 0.34 -9.73
CO CO J . -1.13 -18.72 11.28
P PO4 K . -5.16 -11.55 12.62
O1 PO4 K . -4.43 -11.53 11.31
O2 PO4 K . -4.16 -11.81 13.74
O3 PO4 K . -5.84 -10.24 12.91
O4 PO4 K . -6.20 -12.66 12.54
P PO4 L . 22.16 -18.58 20.26
O1 PO4 L . 23.35 -19.50 20.41
O2 PO4 L . 22.66 -17.15 20.41
O3 PO4 L . 21.53 -18.81 18.91
O4 PO4 L . 21.12 -18.85 21.33
C PYR M . -0.75 -16.49 13.09
O PYR M . -0.96 -15.53 13.93
OXT PYR M . -1.41 -17.62 13.17
CA PYR M . 0.20 -16.33 12.08
O3 PYR M . 0.33 -17.27 11.19
CB PYR M . 1.05 -15.11 12.08
MG MG N . -1.13 -18.74 11.27
#